data_6CBH
#
_entry.id   6CBH
#
_cell.length_a   68.149
_cell.length_b   68.460
_cell.length_c   88.699
_cell.angle_alpha   90.00
_cell.angle_beta   90.00
_cell.angle_gamma   90.00
#
_symmetry.space_group_name_H-M   'P 21 21 21'
#
loop_
_entity.id
_entity.type
_entity.pdbx_description
1 polymer 'Macrophage migration inhibitory factor'
2 non-polymer 'SULFATE ION'
3 non-polymer 'ISOPROPYL ALCOHOL'
4 non-polymer GLYCEROL
5 non-polymer '5-(3-fluoro-1H-pyrazol-4-yl)-2-[(naphthalen-2-yl)oxy]benzoic acid'
6 water water
#
_entity_poly.entity_id   1
_entity_poly.type   'polypeptide(L)'
_entity_poly.pdbx_seq_one_letter_code
;PMFIVNTNVPRASVPDGFLSELTQQLAQATGKPPQYIAVHVVPDQLMAFGGSSEPCALCSLHSIGKIGGAQNRSYSKLLC
GLLAERLRISPDRVYINYYDMNAANVGWNNSTFA
;
_entity_poly.pdbx_strand_id   A,B,C
#
loop_
_chem_comp.id
_chem_comp.type
_chem_comp.name
_chem_comp.formula
EWJ non-polymer '5-(3-fluoro-1H-pyrazol-4-yl)-2-[(naphthalen-2-yl)oxy]benzoic acid' 'C20 H13 F N2 O3'
GOL non-polymer GLYCEROL 'C3 H8 O3'
IPA non-polymer 'ISOPROPYL ALCOHOL' 'C3 H8 O'
SO4 non-polymer 'SULFATE ION' 'O4 S -2'
#
# COMPACT_ATOMS: atom_id res chain seq x y z
N PRO A 1 3.21 11.74 -10.05
CA PRO A 1 3.51 10.34 -9.77
C PRO A 1 3.84 10.08 -8.30
N MET A 2 3.75 8.82 -7.91
CA MET A 2 3.95 8.41 -6.54
C MET A 2 4.83 7.19 -6.49
N PHE A 3 5.94 7.26 -5.74
CA PHE A 3 6.86 6.13 -5.59
C PHE A 3 7.01 5.77 -4.11
N ILE A 4 6.72 4.52 -3.78
CA ILE A 4 6.76 4.01 -2.42
C ILE A 4 7.75 2.85 -2.35
N VAL A 5 8.64 2.90 -1.35
CA VAL A 5 9.60 1.82 -1.06
C VAL A 5 9.40 1.31 0.36
N ASN A 6 9.03 0.03 0.50
CA ASN A 6 9.06 -0.67 1.79
C ASN A 6 10.29 -1.61 1.80
N THR A 7 11.08 -1.54 2.87
CA THR A 7 12.35 -2.30 2.92
C THR A 7 12.68 -2.66 4.34
N ASN A 8 13.42 -3.76 4.49
CA ASN A 8 13.95 -4.18 5.80
C ASN A 8 15.28 -3.49 6.16
N VAL A 9 15.85 -2.74 5.23
CA VAL A 9 17.05 -1.94 5.51
C VAL A 9 16.75 -0.96 6.64
N PRO A 10 17.66 -0.84 7.63
CA PRO A 10 17.36 0.06 8.75
C PRO A 10 17.35 1.55 8.39
N ARG A 11 16.68 2.33 9.23
CA ARG A 11 16.50 3.79 9.03
C ARG A 11 17.82 4.54 8.89
N ALA A 12 18.83 4.17 9.68
CA ALA A 12 20.16 4.83 9.61
C ALA A 12 20.92 4.59 8.30
N SER A 13 20.54 3.57 7.55
CA SER A 13 21.16 3.25 6.25
C SER A 13 20.53 3.95 5.05
N VAL A 14 19.46 4.71 5.28
CA VAL A 14 18.83 5.50 4.22
C VAL A 14 19.59 6.82 4.16
N PRO A 15 20.36 7.08 3.08
CA PRO A 15 21.14 8.33 3.08
C PRO A 15 20.28 9.59 3.20
N ASP A 16 20.81 10.61 3.87
CA ASP A 16 20.23 11.94 3.77
C ASP A 16 20.28 12.34 2.30
N GLY A 17 19.21 12.96 1.83
CA GLY A 17 19.10 13.31 0.42
C GLY A 17 18.56 12.20 -0.47
N PHE A 18 18.18 11.06 0.09
CA PHE A 18 17.61 9.97 -0.71
C PHE A 18 16.24 10.36 -1.29
N LEU A 19 15.37 10.93 -0.46
CA LEU A 19 14.05 11.39 -0.93
C LEU A 19 14.14 12.43 -2.04
N SER A 20 15.08 13.37 -1.88
CA SER A 20 15.31 14.42 -2.88
CA SER A 20 15.31 14.42 -2.87
C SER A 20 15.87 13.83 -4.16
N GLU A 21 16.79 12.87 -4.03
CA GLU A 21 17.32 12.17 -5.19
C GLU A 21 16.24 11.38 -5.93
N LEU A 22 15.40 10.66 -5.20
CA LEU A 22 14.28 9.96 -5.85
C LEU A 22 13.35 10.95 -6.57
N THR A 23 13.07 12.08 -5.93
CA THR A 23 12.16 13.09 -6.52
C THR A 23 12.73 13.59 -7.86
N GLN A 24 13.99 14.00 -7.84
CA GLN A 24 14.66 14.52 -9.04
C GLN A 24 14.75 13.46 -10.14
N GLN A 25 15.26 12.28 -9.80
CA GLN A 25 15.40 11.18 -10.76
C GLN A 25 14.07 10.78 -11.41
N LEU A 26 13.01 10.73 -10.61
CA LEU A 26 11.68 10.38 -11.13
C LEU A 26 11.05 11.48 -11.97
N ALA A 27 11.30 12.75 -11.61
CA ALA A 27 10.83 13.87 -12.42
C ALA A 27 11.43 13.78 -13.83
N GLN A 28 12.75 13.57 -13.91
CA GLN A 28 13.44 13.32 -15.18
C GLN A 28 12.83 12.14 -15.94
N ALA A 29 12.72 11.00 -15.27
CA ALA A 29 12.27 9.75 -15.90
C ALA A 29 10.80 9.78 -16.39
N THR A 30 9.89 10.33 -15.58
CA THR A 30 8.48 10.41 -15.96
C THR A 30 8.15 11.59 -16.90
N GLY A 31 9.11 12.52 -17.07
CA GLY A 31 8.89 13.74 -17.85
C GLY A 31 7.86 14.68 -17.24
N LYS A 32 7.75 14.67 -15.90
CA LYS A 32 6.77 15.45 -15.18
C LYS A 32 7.50 16.41 -14.25
N PRO A 33 6.92 17.61 -13.99
CA PRO A 33 7.58 18.53 -13.05
C PRO A 33 7.71 17.92 -11.64
N PRO A 34 8.82 18.20 -10.93
CA PRO A 34 9.01 17.62 -9.59
C PRO A 34 7.90 17.90 -8.58
N GLN A 35 7.15 19.00 -8.76
CA GLN A 35 6.03 19.37 -7.88
C GLN A 35 4.91 18.31 -7.76
N TYR A 36 4.74 17.49 -8.80
CA TYR A 36 3.75 16.43 -8.82
C TYR A 36 4.30 15.08 -8.28
N ILE A 37 5.60 15.02 -8.00
CA ILE A 37 6.26 13.74 -7.63
C ILE A 37 6.23 13.60 -6.12
N ALA A 38 5.63 12.52 -5.64
CA ALA A 38 5.62 12.17 -4.23
C ALA A 38 6.47 10.92 -4.01
N VAL A 39 7.24 10.91 -2.92
CA VAL A 39 8.12 9.80 -2.58
CA VAL A 39 8.15 9.81 -2.58
C VAL A 39 7.95 9.43 -1.11
N HIS A 40 8.05 8.13 -0.82
CA HIS A 40 7.76 7.58 0.49
C HIS A 40 8.65 6.35 0.71
N VAL A 41 9.49 6.41 1.74
N VAL A 41 9.54 6.42 1.70
CA VAL A 41 10.44 5.37 2.08
CA VAL A 41 10.44 5.33 2.04
C VAL A 41 10.10 4.85 3.47
C VAL A 41 10.11 4.85 3.45
N VAL A 42 9.95 3.53 3.59
CA VAL A 42 9.52 2.90 4.85
C VAL A 42 10.56 1.84 5.24
N PRO A 43 11.55 2.21 6.09
CA PRO A 43 12.58 1.28 6.48
C PRO A 43 12.18 0.40 7.67
N ASP A 44 13.10 -0.45 8.10
CA ASP A 44 12.94 -1.31 9.28
C ASP A 44 11.75 -2.28 9.19
N GLN A 45 11.36 -2.68 7.98
CA GLN A 45 10.20 -3.56 7.81
C GLN A 45 10.53 -5.03 8.06
N LEU A 46 9.52 -5.73 8.58
CA LEU A 46 9.56 -7.16 8.77
C LEU A 46 9.10 -7.79 7.47
N MET A 47 10.05 -8.17 6.64
CA MET A 47 9.74 -8.75 5.36
C MET A 47 10.78 -9.77 4.94
N ALA A 48 10.37 -10.61 4.00
CA ALA A 48 11.24 -11.63 3.44
C ALA A 48 10.97 -11.71 1.95
N PHE A 49 12.02 -12.01 1.19
CA PHE A 49 11.96 -12.21 -0.25
C PHE A 49 12.58 -13.58 -0.52
N GLY A 50 11.81 -14.48 -1.11
CA GLY A 50 12.26 -15.86 -1.30
C GLY A 50 12.56 -16.63 -0.02
N GLY A 51 11.84 -16.32 1.06
CA GLY A 51 12.08 -16.95 2.37
C GLY A 51 13.25 -16.37 3.15
N SER A 52 13.96 -15.42 2.55
CA SER A 52 15.20 -14.87 3.08
C SER A 52 14.98 -13.43 3.57
N SER A 53 15.60 -13.10 4.69
CA SER A 53 15.53 -11.76 5.28
C SER A 53 16.78 -10.91 4.97
N GLU A 54 17.56 -11.29 3.96
CA GLU A 54 18.60 -10.42 3.41
C GLU A 54 17.94 -9.15 2.88
N PRO A 55 18.69 -8.04 2.76
CA PRO A 55 18.04 -6.80 2.31
C PRO A 55 17.17 -6.99 1.07
N CYS A 56 15.95 -6.46 1.12
CA CYS A 56 15.03 -6.53 -0.01
C CYS A 56 14.15 -5.29 -0.03
N ALA A 57 13.36 -5.13 -1.09
CA ALA A 57 12.43 -4.02 -1.18
C ALA A 57 11.17 -4.39 -1.95
N LEU A 58 10.03 -3.94 -1.45
CA LEU A 58 8.76 -4.05 -2.15
C LEU A 58 8.29 -2.64 -2.45
N CYS A 59 8.14 -2.32 -3.73
CA CYS A 59 7.91 -0.95 -4.16
C CYS A 59 6.69 -0.82 -5.05
N SER A 60 6.21 0.41 -5.19
CA SER A 60 5.21 0.71 -6.19
C SER A 60 5.45 2.08 -6.83
N LEU A 61 5.09 2.20 -8.10
CA LEU A 61 5.07 3.45 -8.83
C LEU A 61 3.70 3.62 -9.45
N HIS A 62 2.98 4.65 -9.01
CA HIS A 62 1.69 5.00 -9.58
C HIS A 62 1.91 6.25 -10.42
N SER A 63 1.28 6.29 -11.59
CA SER A 63 1.34 7.43 -12.48
C SER A 63 0.08 7.50 -13.30
N ILE A 64 -0.35 8.73 -13.61
CA ILE A 64 -1.42 8.93 -14.60
C ILE A 64 -0.77 8.92 -15.97
N GLY A 65 -0.84 7.78 -16.66
CA GLY A 65 -0.11 7.60 -17.90
C GLY A 65 1.39 7.42 -17.63
N LYS A 66 2.18 7.51 -18.70
CA LYS A 66 3.62 7.21 -18.65
C LYS A 66 3.94 5.86 -17.97
N ILE A 67 3.12 4.84 -18.28
CA ILE A 67 3.26 3.46 -17.76
C ILE A 67 3.09 2.48 -18.94
N GLY A 68 4.06 1.60 -19.13
CA GLY A 68 3.98 0.60 -20.19
C GLY A 68 5.23 -0.24 -20.30
N GLY A 69 5.23 -1.15 -21.28
CA GLY A 69 6.30 -2.14 -21.47
C GLY A 69 7.71 -1.60 -21.33
N ALA A 70 8.11 -0.76 -22.28
CA ALA A 70 9.46 -0.18 -22.31
C ALA A 70 9.70 0.80 -21.17
N GLN A 71 8.71 1.66 -20.88
CA GLN A 71 8.88 2.64 -19.80
C GLN A 71 9.12 1.96 -18.45
N ASN A 72 8.38 0.89 -18.19
CA ASN A 72 8.52 0.11 -16.95
C ASN A 72 9.87 -0.60 -16.84
N ARG A 73 10.37 -1.13 -17.96
CA ARG A 73 11.74 -1.67 -18.00
C ARG A 73 12.76 -0.60 -17.66
N SER A 74 12.56 0.59 -18.20
N SER A 74 12.67 0.59 -18.29
CA SER A 74 13.49 1.71 -17.89
CA SER A 74 13.58 1.77 -18.03
C SER A 74 13.42 2.15 -16.41
C SER A 74 13.42 2.22 -16.52
N TYR A 75 12.19 2.32 -15.97
CA TYR A 75 11.97 2.65 -14.54
C TYR A 75 12.61 1.62 -13.61
N SER A 76 12.47 0.34 -13.97
CA SER A 76 13.03 -0.73 -13.15
C SER A 76 14.56 -0.66 -13.14
N LYS A 77 15.17 -0.38 -14.28
CA LYS A 77 16.63 -0.21 -14.34
C LYS A 77 17.05 0.97 -13.47
N LEU A 78 16.37 2.10 -13.63
CA LEU A 78 16.64 3.29 -12.83
C LEU A 78 16.52 3.04 -11.33
N LEU A 79 15.38 2.51 -10.92
CA LEU A 79 15.05 2.40 -9.50
C LEU A 79 15.84 1.31 -8.78
N CYS A 80 16.00 0.16 -9.41
CA CYS A 80 16.90 -0.86 -8.88
C CYS A 80 18.32 -0.34 -8.72
N GLY A 81 18.81 0.41 -9.71
CA GLY A 81 20.13 1.05 -9.65
C GLY A 81 20.26 1.93 -8.42
N LEU A 82 19.26 2.77 -8.18
CA LEU A 82 19.25 3.64 -7.00
C LEU A 82 19.17 2.85 -5.69
N LEU A 83 18.33 1.82 -5.65
CA LEU A 83 18.22 0.94 -4.47
C LEU A 83 19.53 0.16 -4.22
N ALA A 84 20.17 -0.30 -5.29
CA ALA A 84 21.48 -0.97 -5.17
C ALA A 84 22.56 -0.01 -4.64
N GLU A 85 22.77 1.10 -5.33
CA GLU A 85 23.80 2.06 -4.93
C GLU A 85 23.56 2.67 -3.54
N ARG A 86 22.33 3.13 -3.26
CA ARG A 86 22.05 3.89 -2.03
C ARG A 86 21.69 3.07 -0.80
N LEU A 87 20.87 2.02 -0.98
CA LEU A 87 20.45 1.18 0.14
C LEU A 87 21.14 -0.20 0.16
N ARG A 88 21.98 -0.46 -0.84
CA ARG A 88 22.75 -1.72 -0.93
C ARG A 88 21.84 -2.94 -0.99
N ILE A 89 20.72 -2.81 -1.72
CA ILE A 89 19.77 -3.89 -1.98
C ILE A 89 20.04 -4.45 -3.36
N SER A 90 20.24 -5.77 -3.46
CA SER A 90 20.45 -6.39 -4.75
C SER A 90 19.21 -6.25 -5.62
N PRO A 91 19.37 -5.96 -6.94
CA PRO A 91 18.24 -5.86 -7.86
C PRO A 91 17.32 -7.06 -7.94
N ASP A 92 17.88 -8.27 -7.76
CA ASP A 92 17.05 -9.49 -7.79
C ASP A 92 16.24 -9.74 -6.51
N ARG A 93 16.38 -8.85 -5.51
CA ARG A 93 15.52 -8.85 -4.30
C ARG A 93 14.64 -7.57 -4.20
N VAL A 94 14.28 -7.01 -5.35
CA VAL A 94 13.38 -5.86 -5.44
C VAL A 94 12.19 -6.23 -6.34
N TYR A 95 10.98 -5.95 -5.86
CA TYR A 95 9.79 -5.89 -6.72
C TYR A 95 9.29 -4.44 -6.79
N ILE A 96 8.92 -4.01 -7.99
CA ILE A 96 8.27 -2.73 -8.21
C ILE A 96 6.97 -3.00 -8.95
N ASN A 97 5.83 -2.69 -8.32
CA ASN A 97 4.55 -2.78 -9.00
C ASN A 97 4.19 -1.45 -9.66
N TYR A 98 3.91 -1.50 -10.96
CA TYR A 98 3.51 -0.33 -11.75
C TYR A 98 1.99 -0.26 -11.89
N TYR A 99 1.43 0.92 -11.66
CA TYR A 99 0.00 1.16 -11.77
C TYR A 99 -0.26 2.38 -12.65
N ASP A 100 -1.00 2.16 -13.72
CA ASP A 100 -1.44 3.24 -14.58
C ASP A 100 -2.79 3.73 -14.06
N MET A 101 -2.79 4.88 -13.40
CA MET A 101 -4.00 5.41 -12.78
C MET A 101 -4.78 6.27 -13.75
N ASN A 102 -6.11 6.11 -13.79
CA ASN A 102 -6.97 7.07 -14.49
CA ASN A 102 -6.99 7.05 -14.47
C ASN A 102 -7.04 8.35 -13.67
N ALA A 103 -7.07 9.48 -14.38
CA ALA A 103 -7.08 10.81 -13.73
C ALA A 103 -8.25 10.99 -12.76
N ALA A 104 -9.40 10.45 -13.14
CA ALA A 104 -10.61 10.55 -12.28
C ALA A 104 -10.47 9.75 -10.97
N ASN A 105 -9.52 8.82 -10.91
CA ASN A 105 -9.28 7.98 -9.74
C ASN A 105 -8.08 8.43 -8.88
N VAL A 106 -7.63 9.65 -9.11
CA VAL A 106 -6.61 10.27 -8.27
C VAL A 106 -7.15 11.57 -7.71
N GLY A 107 -7.43 11.57 -6.41
CA GLY A 107 -7.84 12.73 -5.68
C GLY A 107 -6.66 13.61 -5.31
N TRP A 108 -6.90 14.91 -5.29
CA TRP A 108 -5.89 15.93 -5.03
C TRP A 108 -6.59 17.27 -4.91
N ASN A 109 -6.18 18.08 -3.94
CA ASN A 109 -6.71 19.45 -3.77
C ASN A 109 -8.22 19.55 -3.79
N ASN A 110 -8.88 18.73 -2.95
CA ASN A 110 -10.35 18.69 -2.82
C ASN A 110 -11.14 18.17 -4.02
N SER A 111 -10.46 17.67 -5.05
CA SER A 111 -11.13 17.15 -6.23
C SER A 111 -10.30 15.99 -6.81
N THR A 112 -10.37 15.78 -8.12
CA THR A 112 -9.53 14.79 -8.78
C THR A 112 -8.78 15.47 -9.93
N PHE A 113 -7.94 14.69 -10.60
CA PHE A 113 -7.25 15.19 -11.78
C PHE A 113 -8.09 15.08 -13.06
N ALA A 114 -9.35 14.64 -12.98
CA ALA A 114 -10.22 14.51 -14.16
C ALA A 114 -10.41 15.86 -14.84
N PRO B 1 4.66 -14.20 -6.08
CA PRO B 1 3.54 -13.53 -5.39
C PRO B 1 4.00 -12.71 -4.20
N MET B 2 3.26 -11.63 -3.90
CA MET B 2 3.61 -10.71 -2.84
C MET B 2 2.45 -10.65 -1.87
N PHE B 3 2.71 -10.91 -0.60
CA PHE B 3 1.65 -10.85 0.43
C PHE B 3 2.01 -9.85 1.51
N ILE B 4 1.10 -8.92 1.79
CA ILE B 4 1.34 -7.89 2.79
C ILE B 4 0.20 -7.91 3.80
N VAL B 5 0.56 -7.89 5.09
CA VAL B 5 -0.40 -7.84 6.19
C VAL B 5 -0.12 -6.64 7.04
N ASN B 6 -1.11 -5.76 7.17
CA ASN B 6 -1.06 -4.62 8.09
C ASN B 6 -2.03 -4.92 9.23
N THR B 7 -1.58 -4.76 10.47
CA THR B 7 -2.39 -5.14 11.63
C THR B 7 -2.09 -4.32 12.86
N ASN B 8 -3.12 -4.17 13.69
CA ASN B 8 -3.01 -3.53 14.99
C ASN B 8 -2.50 -4.49 16.07
N VAL B 9 -2.31 -5.77 15.75
CA VAL B 9 -1.71 -6.72 16.67
C VAL B 9 -0.26 -6.27 17.00
N PRO B 10 0.16 -6.33 18.28
CA PRO B 10 1.53 -5.84 18.59
C PRO B 10 2.64 -6.74 18.07
N ARG B 11 3.83 -6.18 17.88
CA ARG B 11 4.99 -6.91 17.29
C ARG B 11 5.32 -8.17 18.12
N ALA B 12 5.31 -8.03 19.44
CA ALA B 12 5.57 -9.17 20.34
C ALA B 12 4.63 -10.36 20.12
N SER B 13 3.42 -10.12 19.65
CA SER B 13 2.46 -11.18 19.37
C SER B 13 2.66 -11.91 18.04
N VAL B 14 3.53 -11.41 17.16
CA VAL B 14 3.84 -12.12 15.92
C VAL B 14 4.88 -13.20 16.28
N PRO B 15 4.52 -14.50 16.14
CA PRO B 15 5.46 -15.53 16.57
C PRO B 15 6.67 -15.67 15.65
N ASP B 16 7.77 -16.18 16.21
CA ASP B 16 8.90 -16.65 15.42
C ASP B 16 8.45 -17.61 14.34
N GLY B 17 9.03 -17.45 13.16
CA GLY B 17 8.74 -18.34 12.06
C GLY B 17 7.58 -17.88 11.19
N PHE B 18 6.90 -16.80 11.57
CA PHE B 18 5.68 -16.39 10.85
C PHE B 18 5.93 -16.05 9.37
N LEU B 19 6.95 -15.24 9.08
CA LEU B 19 7.27 -14.93 7.68
C LEU B 19 7.60 -16.19 6.88
N SER B 20 8.34 -17.11 7.49
CA SER B 20 8.70 -18.36 6.83
CA SER B 20 8.70 -18.34 6.81
C SER B 20 7.48 -19.23 6.59
N GLU B 21 6.57 -19.28 7.57
CA GLU B 21 5.34 -20.06 7.40
C GLU B 21 4.47 -19.48 6.30
N LEU B 22 4.34 -18.15 6.28
CA LEU B 22 3.59 -17.51 5.19
C LEU B 22 4.14 -17.83 3.82
N THR B 23 5.46 -17.76 3.66
CA THR B 23 6.12 -18.07 2.39
C THR B 23 5.84 -19.52 1.97
N GLN B 24 6.07 -20.46 2.89
CA GLN B 24 5.86 -21.87 2.62
C GLN B 24 4.41 -22.17 2.24
N GLN B 25 3.46 -21.68 3.03
CA GLN B 25 2.04 -21.95 2.77
C GLN B 25 1.50 -21.23 1.52
N LEU B 26 2.05 -20.07 1.18
CA LEU B 26 1.72 -19.41 -0.11
C LEU B 26 2.30 -20.18 -1.28
N ALA B 27 3.52 -20.69 -1.10
CA ALA B 27 4.12 -21.60 -2.06
C ALA B 27 3.25 -22.84 -2.24
N GLN B 28 2.81 -23.43 -1.13
CA GLN B 28 1.90 -24.58 -1.22
C GLN B 28 0.58 -24.21 -1.91
N ALA B 29 0.01 -23.05 -1.58
CA ALA B 29 -1.29 -22.65 -2.12
C ALA B 29 -1.24 -22.31 -3.59
N THR B 30 -0.28 -21.48 -3.99
CA THR B 30 -0.16 -21.00 -5.36
C THR B 30 0.62 -21.95 -6.27
N GLY B 31 1.27 -22.96 -5.69
CA GLY B 31 2.18 -23.85 -6.43
C GLY B 31 3.50 -23.24 -6.88
N LYS B 32 3.68 -21.92 -6.70
CA LYS B 32 4.82 -21.20 -7.27
C LYS B 32 6.06 -21.34 -6.39
N PRO B 33 7.27 -21.24 -6.99
CA PRO B 33 8.45 -21.52 -6.18
C PRO B 33 8.61 -20.51 -5.04
N PRO B 34 9.08 -20.97 -3.86
CA PRO B 34 9.24 -20.03 -2.75
C PRO B 34 10.23 -18.89 -3.03
N GLN B 35 11.16 -19.10 -3.96
CA GLN B 35 12.18 -18.10 -4.33
C GLN B 35 11.60 -16.77 -4.80
N TYR B 36 10.47 -16.80 -5.51
CA TYR B 36 9.81 -15.56 -5.97
C TYR B 36 8.75 -15.00 -5.01
N ILE B 37 8.52 -15.66 -3.87
CA ILE B 37 7.48 -15.22 -2.94
C ILE B 37 8.03 -14.17 -1.98
N ALA B 38 7.31 -13.06 -1.85
CA ALA B 38 7.65 -11.97 -0.94
C ALA B 38 6.55 -11.81 0.08
N VAL B 39 6.94 -11.67 1.34
CA VAL B 39 5.98 -11.49 2.43
CA VAL B 39 6.00 -11.53 2.47
C VAL B 39 6.40 -10.30 3.30
N HIS B 40 5.41 -9.62 3.86
CA HIS B 40 5.64 -8.37 4.58
C HIS B 40 4.57 -8.26 5.64
N VAL B 41 5.00 -8.09 6.89
CA VAL B 41 4.07 -8.05 8.02
C VAL B 41 4.32 -6.77 8.79
N VAL B 42 3.27 -5.99 9.02
CA VAL B 42 3.38 -4.66 9.62
C VAL B 42 2.49 -4.59 10.85
N PRO B 43 3.06 -4.85 12.05
CA PRO B 43 2.29 -4.81 13.28
C PRO B 43 2.15 -3.39 13.83
N ASP B 44 1.50 -3.30 14.99
CA ASP B 44 1.37 -2.06 15.77
C ASP B 44 0.66 -0.91 15.04
N GLN B 45 -0.21 -1.23 14.08
CA GLN B 45 -0.88 -0.22 13.29
C GLN B 45 -2.06 0.41 14.00
N LEU B 46 -2.28 1.68 13.68
CA LEU B 46 -3.43 2.43 14.13
C LEU B 46 -4.54 2.20 13.09
N MET B 47 -5.43 1.27 13.40
CA MET B 47 -6.51 0.95 12.49
C MET B 47 -7.78 0.54 13.22
N ALA B 48 -8.90 0.66 12.51
CA ALA B 48 -10.18 0.20 13.00
C ALA B 48 -10.91 -0.54 11.90
N PHE B 49 -11.75 -1.47 12.32
CA PHE B 49 -12.54 -2.30 11.43
C PHE B 49 -13.95 -2.27 11.98
N GLY B 50 -14.89 -1.75 11.20
CA GLY B 50 -16.25 -1.50 11.69
C GLY B 50 -16.35 -0.55 12.87
N GLY B 51 -15.43 0.40 12.98
CA GLY B 51 -15.42 1.32 14.12
C GLY B 51 -14.80 0.79 15.41
N SER B 52 -14.31 -0.46 15.40
CA SER B 52 -13.75 -1.11 16.57
C SER B 52 -12.25 -1.30 16.39
N SER B 53 -11.53 -1.17 17.50
CA SER B 53 -10.08 -1.35 17.53
C SER B 53 -9.68 -2.74 18.07
N GLU B 54 -10.61 -3.70 18.09
CA GLU B 54 -10.27 -5.10 18.34
C GLU B 54 -9.35 -5.60 17.22
N PRO B 55 -8.61 -6.69 17.47
CA PRO B 55 -7.62 -7.12 16.48
C PRO B 55 -8.22 -7.25 15.07
N CYS B 56 -7.52 -6.71 14.09
CA CYS B 56 -7.96 -6.78 12.70
C CYS B 56 -6.77 -6.74 11.78
N ALA B 57 -7.00 -6.97 10.50
CA ALA B 57 -5.93 -6.95 9.52
C ALA B 57 -6.43 -6.48 8.17
N LEU B 58 -5.60 -5.66 7.52
CA LEU B 58 -5.82 -5.26 6.14
C LEU B 58 -4.64 -5.80 5.32
N CYS B 59 -4.94 -6.64 4.34
CA CYS B 59 -3.93 -7.38 3.61
C CYS B 59 -4.08 -7.21 2.11
N SER B 60 -3.02 -7.54 1.39
CA SER B 60 -3.07 -7.66 -0.05
C SER B 60 -2.24 -8.84 -0.53
N LEU B 61 -2.71 -9.45 -1.60
CA LEU B 61 -1.98 -10.49 -2.29
C LEU B 61 -1.94 -10.10 -3.77
N HIS B 62 -0.73 -9.82 -4.27
CA HIS B 62 -0.51 -9.56 -5.69
C HIS B 62 0.13 -10.80 -6.31
N SER B 63 -0.37 -11.19 -7.47
CA SER B 63 0.20 -12.31 -8.21
C SER B 63 0.10 -12.03 -9.71
N ILE B 64 1.11 -12.48 -10.47
CA ILE B 64 1.00 -12.48 -11.93
C ILE B 64 0.22 -13.73 -12.30
N GLY B 65 -1.07 -13.57 -12.55
CA GLY B 65 -1.97 -14.72 -12.67
C GLY B 65 -2.15 -15.45 -11.34
N LYS B 66 -2.76 -16.65 -11.41
CA LYS B 66 -3.22 -17.39 -10.24
C LYS B 66 -4.21 -16.60 -9.34
N ILE B 67 -4.99 -15.71 -9.97
CA ILE B 67 -5.99 -14.91 -9.29
C ILE B 67 -7.33 -15.17 -9.98
N GLY B 68 -8.37 -15.39 -9.19
CA GLY B 68 -9.71 -15.62 -9.73
C GLY B 68 -10.70 -16.04 -8.67
N GLY B 69 -11.94 -16.31 -9.08
CA GLY B 69 -13.05 -16.58 -8.14
C GLY B 69 -12.71 -17.66 -7.12
N ALA B 70 -12.50 -18.87 -7.61
CA ALA B 70 -12.22 -20.03 -6.74
C ALA B 70 -10.89 -19.89 -6.04
N GLN B 71 -9.86 -19.44 -6.75
CA GLN B 71 -8.54 -19.28 -6.17
C GLN B 71 -8.52 -18.29 -5.00
N ASN B 72 -9.18 -17.14 -5.16
CA ASN B 72 -9.20 -16.14 -4.09
C ASN B 72 -9.97 -16.65 -2.86
N ARG B 73 -11.05 -17.40 -3.06
CA ARG B 73 -11.78 -17.99 -1.93
C ARG B 73 -10.88 -18.93 -1.14
N SER B 74 -10.15 -19.76 -1.89
CA SER B 74 -9.16 -20.66 -1.30
C SER B 74 -8.06 -19.90 -0.56
N TYR B 75 -7.50 -18.86 -1.17
CA TYR B 75 -6.47 -18.03 -0.48
C TYR B 75 -7.02 -17.40 0.78
N SER B 76 -8.26 -16.90 0.72
CA SER B 76 -8.88 -16.26 1.87
C SER B 76 -9.02 -17.24 3.05
N LYS B 77 -9.48 -18.46 2.77
CA LYS B 77 -9.59 -19.49 3.80
C LYS B 77 -8.21 -19.76 4.42
N LEU B 78 -7.21 -19.97 3.59
CA LEU B 78 -5.83 -20.22 4.06
C LEU B 78 -5.28 -19.09 4.94
N LEU B 79 -5.34 -17.87 4.41
CA LEU B 79 -4.70 -16.72 5.04
C LEU B 79 -5.45 -16.27 6.28
N CYS B 80 -6.78 -16.26 6.24
CA CYS B 80 -7.57 -15.98 7.45
C CYS B 80 -7.28 -17.04 8.53
N GLY B 81 -7.15 -18.31 8.12
CA GLY B 81 -6.80 -19.38 9.07
C GLY B 81 -5.48 -19.13 9.78
N LEU B 82 -4.48 -18.77 9.00
CA LEU B 82 -3.14 -18.44 9.51
C LEU B 82 -3.17 -17.22 10.42
N LEU B 83 -3.92 -16.19 10.03
CA LEU B 83 -4.03 -14.99 10.85
C LEU B 83 -4.78 -15.28 12.16
N ALA B 84 -5.79 -16.14 12.09
CA ALA B 84 -6.55 -16.53 13.28
C ALA B 84 -5.70 -17.36 14.23
N GLU B 85 -5.01 -18.35 13.67
CA GLU B 85 -4.15 -19.24 14.47
C GLU B 85 -2.94 -18.53 15.09
N ARG B 86 -2.20 -17.79 14.26
CA ARG B 86 -0.94 -17.17 14.70
C ARG B 86 -1.09 -15.81 15.37
N LEU B 87 -1.96 -14.94 14.86
CA LEU B 87 -2.12 -13.59 15.42
C LEU B 87 -3.39 -13.40 16.23
N ARG B 88 -4.22 -14.43 16.33
CA ARG B 88 -5.49 -14.39 17.07
C ARG B 88 -6.47 -13.33 16.56
N ILE B 89 -6.46 -13.11 15.24
CA ILE B 89 -7.37 -12.17 14.60
C ILE B 89 -8.55 -12.96 14.03
N SER B 90 -9.77 -12.54 14.37
CA SER B 90 -10.97 -13.18 13.83
C SER B 90 -11.08 -12.99 12.30
N PRO B 91 -11.44 -14.05 11.55
CA PRO B 91 -11.59 -13.96 10.09
C PRO B 91 -12.53 -12.87 9.61
N ASP B 92 -13.55 -12.57 10.40
CA ASP B 92 -14.49 -11.51 10.04
C ASP B 92 -13.98 -10.09 10.32
N ARG B 93 -12.74 -9.95 10.81
CA ARG B 93 -12.07 -8.64 10.93
C ARG B 93 -10.81 -8.60 10.05
N VAL B 94 -10.86 -9.29 8.92
CA VAL B 94 -9.79 -9.31 7.94
C VAL B 94 -10.32 -8.96 6.56
N TYR B 95 -9.66 -8.03 5.89
CA TYR B 95 -9.83 -7.82 4.45
C TYR B 95 -8.55 -8.18 3.72
N ILE B 96 -8.69 -8.85 2.57
CA ILE B 96 -7.57 -9.20 1.71
C ILE B 96 -7.92 -8.72 0.31
N ASN B 97 -7.14 -7.78 -0.21
CA ASN B 97 -7.31 -7.30 -1.57
C ASN B 97 -6.45 -8.13 -2.52
N TYR B 98 -7.09 -8.67 -3.55
CA TYR B 98 -6.39 -9.49 -4.54
C TYR B 98 -6.13 -8.68 -5.81
N TYR B 99 -4.91 -8.75 -6.31
CA TYR B 99 -4.52 -8.05 -7.53
C TYR B 99 -3.89 -9.01 -8.53
N ASP B 100 -4.50 -9.09 -9.72
CA ASP B 100 -3.92 -9.86 -10.82
C ASP B 100 -3.02 -8.89 -11.60
N MET B 101 -1.71 -9.00 -11.40
CA MET B 101 -0.76 -8.09 -12.06
C MET B 101 -0.39 -8.59 -13.45
N ASN B 102 -0.37 -7.66 -14.42
CA ASN B 102 0.27 -7.90 -15.72
C ASN B 102 1.78 -7.99 -15.50
N ALA B 103 2.40 -8.99 -16.13
CA ALA B 103 3.85 -9.17 -16.08
C ALA B 103 4.64 -7.91 -16.48
N ALA B 104 4.12 -7.14 -17.45
CA ALA B 104 4.78 -5.90 -17.87
C ALA B 104 4.79 -4.82 -16.76
N ASN B 105 3.90 -4.98 -15.77
CA ASN B 105 3.76 -4.06 -14.65
C ASN B 105 4.36 -4.54 -13.32
N VAL B 106 5.25 -5.55 -13.39
CA VAL B 106 6.03 -5.96 -12.25
C VAL B 106 7.51 -5.86 -12.59
N GLY B 107 8.18 -4.93 -11.92
CA GLY B 107 9.63 -4.75 -12.03
C GLY B 107 10.39 -5.70 -11.11
N TRP B 108 11.53 -6.18 -11.59
CA TRP B 108 12.40 -7.08 -10.84
C TRP B 108 13.74 -7.19 -11.54
N ASN B 109 14.83 -7.06 -10.78
CA ASN B 109 16.18 -7.29 -11.33
C ASN B 109 16.47 -6.46 -12.59
N ASN B 110 16.26 -5.15 -12.49
CA ASN B 110 16.54 -4.17 -13.57
C ASN B 110 15.66 -4.25 -14.80
N SER B 111 14.62 -5.09 -14.77
CA SER B 111 13.74 -5.25 -15.91
C SER B 111 12.32 -5.48 -15.37
N THR B 112 11.46 -6.11 -16.17
CA THR B 112 10.15 -6.56 -15.72
C THR B 112 10.00 -8.04 -16.12
N PHE B 113 8.86 -8.66 -15.80
CA PHE B 113 8.61 -10.06 -16.14
C PHE B 113 7.98 -10.27 -17.53
N ALA B 114 7.70 -9.18 -18.26
CA ALA B 114 7.15 -9.30 -19.62
C ALA B 114 8.16 -9.98 -20.54
N PRO C 1 -16.22 0.61 2.43
CA PRO C 1 -14.88 0.84 1.90
C PRO C 1 -13.75 0.77 2.91
N MET C 2 -12.53 0.77 2.40
CA MET C 2 -11.30 0.77 3.16
C MET C 2 -10.51 2.04 2.82
N PHE C 3 -10.11 2.79 3.84
CA PHE C 3 -9.41 4.05 3.67
C PHE C 3 -8.11 4.03 4.45
N ILE C 4 -7.01 4.26 3.75
CA ILE C 4 -5.67 4.24 4.33
C ILE C 4 -5.00 5.61 4.13
N VAL C 5 -4.46 6.19 5.21
CA VAL C 5 -3.67 7.44 5.16
C VAL C 5 -2.25 7.18 5.60
N ASN C 6 -1.28 7.48 4.74
CA ASN C 6 0.13 7.54 5.13
C ASN C 6 0.55 9.01 5.17
N THR C 7 1.19 9.42 6.25
CA THR C 7 1.54 10.83 6.45
C THR C 7 2.83 11.01 7.25
N ASN C 8 3.54 12.10 6.95
CA ASN C 8 4.71 12.51 7.73
C ASN C 8 4.33 13.25 9.03
N VAL C 9 3.06 13.58 9.20
CA VAL C 9 2.60 14.20 10.45
C VAL C 9 2.91 13.25 11.65
N PRO C 10 3.44 13.79 12.77
CA PRO C 10 3.75 12.88 13.90
C PRO C 10 2.52 12.34 14.62
N ARG C 11 2.68 11.18 15.26
CA ARG C 11 1.61 10.48 15.98
C ARG C 11 0.89 11.39 16.96
N ALA C 12 1.64 12.23 17.69
CA ALA C 12 1.04 13.13 18.69
C ALA C 12 0.12 14.20 18.10
N SER C 13 0.31 14.51 16.80
CA SER C 13 -0.56 15.46 16.10
C SER C 13 -1.82 14.81 15.49
N VAL C 14 -1.95 13.50 15.60
CA VAL C 14 -3.18 12.82 15.20
C VAL C 14 -4.13 12.95 16.40
N PRO C 15 -5.26 13.67 16.24
CA PRO C 15 -6.11 13.84 17.44
C PRO C 15 -6.81 12.55 17.88
N ASP C 16 -7.03 12.43 19.19
CA ASP C 16 -7.91 11.41 19.74
C ASP C 16 -9.25 11.46 19.00
N GLY C 17 -9.78 10.29 18.65
CA GLY C 17 -11.06 10.20 17.95
C GLY C 17 -10.96 10.17 16.43
N PHE C 18 -9.76 10.24 15.88
CA PHE C 18 -9.59 10.45 14.43
C PHE C 18 -10.07 9.24 13.62
N LEU C 19 -9.69 8.03 14.05
CA LEU C 19 -10.19 6.82 13.38
C LEU C 19 -11.71 6.73 13.40
N SER C 20 -12.32 7.06 14.54
CA SER C 20 -13.78 7.03 14.65
CA SER C 20 -13.77 7.03 14.66
C SER C 20 -14.42 8.07 13.76
N GLU C 21 -13.85 9.26 13.70
CA GLU C 21 -14.40 10.32 12.83
C GLU C 21 -14.34 9.89 11.35
N LEU C 22 -13.20 9.33 10.94
CA LEU C 22 -13.07 8.80 9.59
C LEU C 22 -14.14 7.74 9.26
N THR C 23 -14.34 6.80 10.18
CA THR C 23 -15.33 5.75 10.03
C THR C 23 -16.75 6.31 9.85
N GLN C 24 -17.15 7.21 10.76
CA GLN C 24 -18.48 7.82 10.72
C GLN C 24 -18.68 8.65 9.45
N GLN C 25 -17.70 9.47 9.11
CA GLN C 25 -17.82 10.32 7.93
C GLN C 25 -17.81 9.53 6.62
N LEU C 26 -16.98 8.49 6.54
CA LEU C 26 -17.03 7.57 5.39
C LEU C 26 -18.35 6.79 5.28
N ALA C 27 -18.89 6.34 6.43
CA ALA C 27 -20.19 5.67 6.46
C ALA C 27 -21.30 6.59 5.92
N GLN C 28 -21.30 7.82 6.42
CA GLN C 28 -22.18 8.87 5.93
C GLN C 28 -22.07 9.16 4.45
N ALA C 29 -20.84 9.35 3.96
CA ALA C 29 -20.65 9.75 2.57
C ALA C 29 -20.99 8.65 1.57
N THR C 30 -20.65 7.40 1.90
CA THR C 30 -20.94 6.26 1.04
C THR C 30 -22.34 5.64 1.23
N GLY C 31 -23.09 6.10 2.23
CA GLY C 31 -24.40 5.52 2.54
C GLY C 31 -24.33 4.04 2.92
N LYS C 32 -23.35 3.71 3.74
CA LYS C 32 -23.07 2.34 4.14
C LYS C 32 -22.98 2.26 5.65
N PRO C 33 -23.33 1.09 6.21
CA PRO C 33 -23.19 0.95 7.65
C PRO C 33 -21.71 1.00 8.08
N PRO C 34 -21.43 1.58 9.25
CA PRO C 34 -20.04 1.65 9.72
C PRO C 34 -19.34 0.30 9.90
N GLN C 35 -20.11 -0.79 10.05
CA GLN C 35 -19.56 -2.15 10.13
C GLN C 35 -18.73 -2.58 8.88
N TYR C 36 -18.99 -1.99 7.73
CA TYR C 36 -18.23 -2.28 6.50
C TYR C 36 -16.96 -1.44 6.34
N ILE C 37 -16.84 -0.36 7.12
CA ILE C 37 -15.76 0.63 6.96
C ILE C 37 -14.50 0.16 7.72
N ALA C 38 -13.37 0.12 7.02
CA ALA C 38 -12.07 -0.07 7.67
C ALA C 38 -11.24 1.17 7.44
N VAL C 39 -10.54 1.62 8.48
N VAL C 39 -10.50 1.59 8.46
CA VAL C 39 -9.66 2.80 8.38
CA VAL C 39 -9.68 2.80 8.38
C VAL C 39 -8.30 2.50 8.97
C VAL C 39 -8.31 2.53 9.00
N HIS C 40 -7.27 3.15 8.43
CA HIS C 40 -5.88 2.86 8.80
C HIS C 40 -5.07 4.15 8.61
N VAL C 41 -4.45 4.61 9.69
CA VAL C 41 -3.66 5.84 9.69
C VAL C 41 -2.23 5.50 10.07
N VAL C 42 -1.28 5.92 9.24
CA VAL C 42 0.16 5.65 9.46
C VAL C 42 0.92 6.98 9.55
N PRO C 43 1.16 7.46 10.78
CA PRO C 43 1.90 8.71 10.97
C PRO C 43 3.42 8.51 10.95
N ASP C 44 4.18 9.58 11.17
CA ASP C 44 5.65 9.55 11.29
C ASP C 44 6.40 9.03 10.07
N GLN C 45 5.81 9.11 8.89
CA GLN C 45 6.43 8.57 7.69
C GLN C 45 7.51 9.46 7.10
N LEU C 46 8.53 8.83 6.53
N LEU C 46 8.54 8.84 6.53
CA LEU C 46 9.55 9.51 5.76
CA LEU C 46 9.58 9.54 5.79
C LEU C 46 9.02 9.68 4.35
C LEU C 46 9.06 9.70 4.36
N MET C 47 8.49 10.88 4.07
CA MET C 47 7.96 11.16 2.74
C MET C 47 8.15 12.60 2.32
N ALA C 48 8.09 12.81 1.00
CA ALA C 48 8.11 14.15 0.42
C ALA C 48 7.03 14.23 -0.63
N PHE C 49 6.51 15.44 -0.82
CA PHE C 49 5.52 15.73 -1.84
C PHE C 49 6.08 16.93 -2.59
N GLY C 50 6.34 16.76 -3.88
CA GLY C 50 7.01 17.80 -4.65
C GLY C 50 8.38 18.20 -4.13
N GLY C 51 9.11 17.25 -3.56
CA GLY C 51 10.43 17.52 -2.98
C GLY C 51 10.46 18.28 -1.66
N SER C 52 9.28 18.57 -1.08
CA SER C 52 9.17 19.27 0.20
C SER C 52 8.71 18.32 1.30
N SER C 53 9.26 18.47 2.50
CA SER C 53 8.88 17.68 3.66
C SER C 53 7.85 18.38 4.57
N GLU C 54 7.19 19.43 4.08
CA GLU C 54 6.03 19.99 4.79
C GLU C 54 4.96 18.90 4.89
N PRO C 55 4.00 19.06 5.81
CA PRO C 55 2.96 18.05 5.97
C PRO C 55 2.31 17.63 4.64
N CYS C 56 2.19 16.33 4.44
CA CYS C 56 1.56 15.74 3.27
C CYS C 56 0.93 14.39 3.60
N ALA C 57 0.11 13.87 2.68
CA ALA C 57 -0.50 12.57 2.87
C ALA C 57 -0.62 11.83 1.53
N LEU C 58 -0.37 10.52 1.59
CA LEU C 58 -0.62 9.61 0.48
C LEU C 58 -1.64 8.60 0.96
N CYS C 59 -2.78 8.57 0.28
CA CYS C 59 -3.95 7.83 0.73
C CYS C 59 -4.51 6.92 -0.34
N SER C 60 -5.32 5.96 0.09
N SER C 60 -5.33 5.98 0.11
CA SER C 60 -6.10 5.16 -0.82
CA SER C 60 -6.06 5.05 -0.75
C SER C 60 -7.49 4.92 -0.27
C SER C 60 -7.49 4.90 -0.26
N LEU C 61 -8.45 4.83 -1.18
CA LEU C 61 -9.81 4.46 -0.86
C LEU C 61 -10.20 3.32 -1.81
N HIS C 62 -10.43 2.14 -1.23
CA HIS C 62 -10.89 0.98 -1.98
C HIS C 62 -12.37 0.75 -1.67
N SER C 63 -13.16 0.57 -2.73
CA SER C 63 -14.58 0.26 -2.59
C SER C 63 -15.00 -0.75 -3.65
N ILE C 64 -15.95 -1.61 -3.30
CA ILE C 64 -16.57 -2.53 -4.26
C ILE C 64 -17.68 -1.74 -4.96
N GLY C 65 -17.37 -1.22 -6.15
CA GLY C 65 -18.28 -0.27 -6.82
C GLY C 65 -18.38 1.05 -6.08
N LYS C 66 -19.32 1.89 -6.54
CA LYS C 66 -19.52 3.24 -5.99
C LYS C 66 -18.25 4.12 -6.11
N ILE C 67 -17.54 3.95 -7.21
CA ILE C 67 -16.33 4.71 -7.51
C ILE C 67 -16.57 5.31 -8.88
N GLY C 68 -16.23 6.58 -9.04
CA GLY C 68 -16.45 7.24 -10.31
C GLY C 68 -16.19 8.72 -10.22
N GLY C 69 -16.33 9.40 -11.36
CA GLY C 69 -15.95 10.80 -11.48
C GLY C 69 -16.47 11.67 -10.35
N ALA C 70 -17.80 11.74 -10.25
CA ALA C 70 -18.46 12.61 -9.29
C ALA C 70 -18.25 12.16 -7.85
N GLN C 71 -18.41 10.86 -7.60
CA GLN C 71 -18.24 10.31 -6.26
C GLN C 71 -16.80 10.52 -5.74
N ASN C 72 -15.81 10.33 -6.61
CA ASN C 72 -14.40 10.51 -6.22
C ASN C 72 -14.10 11.96 -5.88
N ARG C 73 -14.68 12.91 -6.63
CA ARG C 73 -14.54 14.32 -6.30
C ARG C 73 -15.15 14.63 -4.94
N SER C 74 -16.35 14.12 -4.70
CA SER C 74 -17.01 14.30 -3.39
CA SER C 74 -17.00 14.31 -3.40
C SER C 74 -16.16 13.71 -2.27
N TYR C 75 -15.63 12.51 -2.46
CA TYR C 75 -14.75 11.91 -1.45
C TYR C 75 -13.51 12.73 -1.21
N SER C 76 -12.89 13.24 -2.29
CA SER C 76 -11.68 14.05 -2.14
C SER C 76 -11.94 15.31 -1.32
N LYS C 77 -13.06 16.00 -1.57
CA LYS C 77 -13.42 17.18 -0.78
C LYS C 77 -13.59 16.81 0.71
N LEU C 78 -14.32 15.73 0.98
CA LEU C 78 -14.51 15.24 2.36
C LEU C 78 -13.19 14.90 3.04
N LEU C 79 -12.39 14.05 2.40
CA LEU C 79 -11.18 13.53 3.02
C LEU C 79 -10.09 14.58 3.09
N CYS C 80 -9.92 15.40 2.04
CA CYS C 80 -9.00 16.54 2.17
C CYS C 80 -9.43 17.51 3.28
N GLY C 81 -10.73 17.75 3.41
CA GLY C 81 -11.26 18.60 4.48
C GLY C 81 -10.87 18.10 5.86
N LEU C 82 -11.03 16.78 6.08
CA LEU C 82 -10.66 16.16 7.35
C LEU C 82 -9.16 16.21 7.64
N LEU C 83 -8.34 15.92 6.62
CA LEU C 83 -6.90 15.95 6.78
C LEU C 83 -6.42 17.38 7.06
N ALA C 84 -7.05 18.36 6.42
CA ALA C 84 -6.76 19.78 6.65
C ALA C 84 -7.14 20.20 8.07
N GLU C 85 -8.38 19.96 8.45
CA GLU C 85 -8.89 20.30 9.78
C GLU C 85 -8.15 19.58 10.91
N ARG C 86 -8.02 18.26 10.78
CA ARG C 86 -7.46 17.44 11.89
C ARG C 86 -5.95 17.30 11.91
N LEU C 87 -5.33 17.14 10.74
CA LEU C 87 -3.88 16.95 10.68
C LEU C 87 -3.11 18.16 10.17
N ARG C 88 -3.82 19.22 9.79
CA ARG C 88 -3.25 20.46 9.26
C ARG C 88 -2.42 20.20 7.99
N ILE C 89 -2.91 19.31 7.13
CA ILE C 89 -2.26 19.05 5.85
C ILE C 89 -3.01 19.81 4.78
N SER C 90 -2.27 20.56 3.96
CA SER C 90 -2.90 21.32 2.88
C SER C 90 -3.45 20.35 1.82
N PRO C 91 -4.70 20.55 1.36
CA PRO C 91 -5.32 19.70 0.32
C PRO C 91 -4.48 19.47 -0.94
N ASP C 92 -3.70 20.48 -1.34
CA ASP C 92 -2.81 20.35 -2.49
C ASP C 92 -1.50 19.57 -2.20
N ARG C 93 -1.35 19.04 -0.98
CA ARG C 93 -0.28 18.11 -0.64
C ARG C 93 -0.86 16.74 -0.24
N VAL C 94 -2.00 16.39 -0.82
CA VAL C 94 -2.66 15.12 -0.58
C VAL C 94 -2.92 14.42 -1.92
N TYR C 95 -2.55 13.15 -2.00
CA TYR C 95 -3.03 12.28 -3.07
C TYR C 95 -3.90 11.17 -2.48
N ILE C 96 -5.02 10.89 -3.14
CA ILE C 96 -5.90 9.80 -2.76
C ILE C 96 -6.10 8.97 -4.02
N ASN C 97 -5.60 7.74 -4.01
CA ASN C 97 -5.82 6.81 -5.10
C ASN C 97 -7.11 6.05 -4.83
N TYR C 98 -8.02 6.05 -5.80
CA TYR C 98 -9.32 5.37 -5.71
C TYR C 98 -9.26 4.06 -6.49
N TYR C 99 -9.77 2.99 -5.88
CA TYR C 99 -9.79 1.67 -6.50
C TYR C 99 -11.19 1.09 -6.47
N ASP C 100 -11.72 0.77 -7.64
CA ASP C 100 -12.98 0.05 -7.74
C ASP C 100 -12.64 -1.44 -7.73
N MET C 101 -12.87 -2.11 -6.60
CA MET C 101 -12.53 -3.52 -6.46
C MET C 101 -13.70 -4.41 -6.93
N ASN C 102 -13.37 -5.49 -7.65
CA ASN C 102 -14.38 -6.51 -7.96
C ASN C 102 -14.61 -7.34 -6.70
N ALA C 103 -15.86 -7.71 -6.44
CA ALA C 103 -16.22 -8.45 -5.23
C ALA C 103 -15.43 -9.76 -5.10
N ALA C 104 -15.13 -10.39 -6.24
CA ALA C 104 -14.31 -11.62 -6.28
C ALA C 104 -12.87 -11.40 -5.82
N ASN C 105 -12.40 -10.16 -5.86
CA ASN C 105 -11.04 -9.78 -5.47
C ASN C 105 -10.95 -9.09 -4.11
N VAL C 106 -11.98 -9.25 -3.27
CA VAL C 106 -11.91 -8.83 -1.87
C VAL C 106 -12.25 -10.00 -0.96
N GLY C 107 -11.24 -10.47 -0.24
CA GLY C 107 -11.39 -11.50 0.77
C GLY C 107 -11.85 -10.97 2.11
N TRP C 108 -12.63 -11.80 2.81
CA TRP C 108 -13.17 -11.48 4.11
C TRP C 108 -13.73 -12.75 4.69
N ASN C 109 -13.47 -13.01 5.96
CA ASN C 109 -14.12 -14.11 6.69
C ASN C 109 -14.02 -15.46 5.98
N ASN C 110 -12.79 -15.86 5.64
CA ASN C 110 -12.51 -17.15 4.98
C ASN C 110 -12.98 -17.33 3.54
N SER C 111 -13.52 -16.27 2.91
CA SER C 111 -13.96 -16.38 1.52
C SER C 111 -13.80 -15.01 0.86
N THR C 112 -14.53 -14.77 -0.22
CA THR C 112 -14.60 -13.43 -0.83
C THR C 112 -16.05 -12.92 -0.82
N PHE C 113 -16.22 -11.70 -1.30
CA PHE C 113 -17.55 -11.10 -1.38
C PHE C 113 -18.30 -11.48 -2.66
N ALA C 114 -17.69 -12.24 -3.58
CA ALA C 114 -18.38 -12.66 -4.81
C ALA C 114 -19.64 -13.44 -4.50
S SO4 D . 5.85 1.66 -23.56
O1 SO4 D . 6.21 2.81 -24.43
O2 SO4 D . 6.29 1.98 -22.18
O3 SO4 D . 6.53 0.45 -24.07
O4 SO4 D . 4.39 1.42 -23.58
S SO4 E . -2.46 -1.01 -4.70
O1 SO4 E . -1.60 0.14 -5.03
O2 SO4 E . -3.37 -0.64 -3.59
O3 SO4 E . -3.24 -1.40 -5.90
O4 SO4 E . -1.62 -2.16 -4.29
C1 IPA F . 1.42 20.14 -7.98
C2 IPA F . 1.27 21.64 -7.78
C3 IPA F . 0.43 22.23 -8.90
O2 IPA F . 0.64 21.94 -6.53
C1 GOL G . 4.80 -9.09 -7.32
O1 GOL G . 3.94 -7.96 -7.19
C2 GOL G . 3.98 -10.31 -7.75
O2 GOL G . 2.76 -9.85 -8.40
C3 GOL G . 4.82 -11.23 -8.67
O3 GOL G . 4.36 -12.60 -8.72
C1 GOL H . -0.51 9.86 -7.83
O1 GOL H . -0.97 8.60 -7.28
C2 GOL H . -0.08 9.65 -9.28
O2 GOL H . -0.94 8.68 -9.87
C3 GOL H . -0.08 10.88 -10.20
O3 GOL H . -0.13 12.14 -9.52
S SO4 I . 2.78 -25.81 15.02
O1 SO4 I . 3.98 -25.20 15.66
O2 SO4 I . 1.55 -25.19 15.57
O3 SO4 I . 2.83 -25.62 13.55
O4 SO4 I . 2.78 -27.27 15.30
S SO4 J . -10.57 -19.56 -10.65
O1 SO4 J . -9.62 -19.02 -9.66
O2 SO4 J . -10.39 -18.86 -11.95
O3 SO4 J . -11.98 -19.38 -10.21
O4 SO4 J . -10.30 -21.02 -10.82
S SO4 K . -15.16 19.83 16.68
O1 SO4 K . -14.10 20.50 15.90
O2 SO4 K . -15.70 20.78 17.68
O3 SO4 K . -16.26 19.39 15.76
O4 SO4 K . -14.59 18.67 17.39
C2 EWJ L . -20.73 -6.36 -2.48
C3 EWJ L . -21.58 -5.74 -3.39
C4 EWJ L . -21.89 -4.38 -3.24
C5 EWJ L . -21.36 -3.65 -2.18
C14 EWJ L . -14.40 -3.42 1.02
C15 EWJ L . -14.93 -4.37 1.90
C16 EWJ L . -16.30 -4.38 2.18
C17 EWJ L . -17.14 -3.44 1.59
C18 EWJ L . -16.60 -2.51 0.70
C19 EWJ L . -15.25 -2.50 0.41
C20 EWJ L . -12.96 -3.42 0.72
C21 EWJ L . -11.91 -3.90 1.48
N22 EWJ L . -10.74 -3.75 0.82
N23 EWJ L . -11.00 -3.18 -0.43
C24 EWJ L . -12.29 -3.00 -0.52
C25 EWJ L . -17.46 -1.48 0.03
O26 EWJ L . -17.48 -1.38 -1.21
O27 EWJ L . -18.14 -0.73 0.76
O28 EWJ L . -18.51 -3.51 1.82
C29 EWJ L . -19.11 -4.19 0.76
C30 EWJ L . -19.95 -3.55 -0.18
C31 EWJ L . -20.50 -4.27 -1.25
C32 EWJ L . -20.21 -5.62 -1.42
C33 EWJ L . -19.36 -6.24 -0.52
C34 EWJ L . -18.82 -5.54 0.55
F1 EWJ L . -12.91 -2.44 -1.62
S SO4 M . -20.03 8.92 -10.71
O1 SO4 M . -19.21 8.70 -9.51
O2 SO4 M . -19.43 9.95 -11.60
O3 SO4 M . -21.38 9.39 -10.29
O4 SO4 M . -20.15 7.64 -11.45
C1 IPA N . -20.53 -7.91 6.97
C2 IPA N . -19.31 -7.12 7.41
C3 IPA N . -18.35 -6.84 6.26
O2 IPA N . -19.71 -5.87 7.95
#